data_7V06
#
_entry.id   7V06
#
_entity_poly.entity_id   1
_entity_poly.type   'polyribonucleotide'
_entity_poly.pdbx_seq_one_letter_code
;GGUGCUGUUUAUCCAUUUCAGAAUUGGGUGUCGACAUAGCACC
;
_entity_poly.pdbx_strand_id   A
#